data_3LCU
#
_entry.id   3LCU
#
_cell.length_a   36.087
_cell.length_b   68.891
_cell.length_c   52.201
_cell.angle_alpha   90.00
_cell.angle_beta   93.47
_cell.angle_gamma   90.00
#
_symmetry.space_group_name_H-M   'P 1 21 1'
#
loop_
_entity.id
_entity.type
_entity.pdbx_description
1 polymer 'Sisomicin-gentamicin resistance methylase Sgm'
2 non-polymer S-ADENOSYL-L-HOMOCYSTEINE
3 water water
#
_entity_poly.entity_id   1
_entity_poly.type   'polypeptide(L)'
_entity_poly.pdbx_seq_one_letter_code
;HHHHHHH(MSE)TAPAADDRIDEIERAITKSRRYQTVAPATVRRLARAALVAARGDVPDAVKRTKRGLHEIYGAFLPPSP
PNYAALLRHLDSAVDAGDDEAVRAALLRA(MSE)SVHISTRERLPHLDEFYRELFRHLPRPNTLRDLACGLNPLAAPW
(MSE)GLPAETVYIASDIDARLVGFVDEALTRLNVPHRTNVADLLEDRLDEPADVTLLLKTLPCLETQQRGSGWEVIDIV
NSPNIVVTFPTKSLGQRSKG(MSE)FQNYSQSFESQARERSCRIQRLEIGNELIYVIQK
;
_entity_poly.pdbx_strand_id   A
#
loop_
_chem_comp.id
_chem_comp.type
_chem_comp.name
_chem_comp.formula
SAH non-polymer S-ADENOSYL-L-HOMOCYSTEINE 'C14 H20 N6 O5 S'
#
# COMPACT_ATOMS: atom_id res chain seq x y z
N ASP A 15 -28.19 -12.61 -3.32
CA ASP A 15 -28.67 -11.75 -2.20
C ASP A 15 -27.79 -11.89 -0.97
N ARG A 16 -27.36 -13.13 -0.70
CA ARG A 16 -26.52 -13.42 0.46
C ARG A 16 -25.25 -12.59 0.46
N ILE A 17 -24.71 -12.31 -0.71
CA ILE A 17 -23.48 -11.50 -0.79
C ILE A 17 -23.81 -10.05 -0.43
N ASP A 18 -24.95 -9.55 -0.92
CA ASP A 18 -25.36 -8.19 -0.61
C ASP A 18 -25.53 -8.11 0.90
N GLU A 19 -26.15 -9.13 1.48
CA GLU A 19 -26.40 -9.19 2.91
C GLU A 19 -25.07 -9.07 3.66
N ILE A 20 -24.10 -9.91 3.30
CA ILE A 20 -22.79 -9.88 3.93
C ILE A 20 -22.18 -8.48 3.85
N GLU A 21 -22.23 -7.89 2.65
CA GLU A 21 -21.70 -6.57 2.42
C GLU A 21 -22.34 -5.56 3.37
N ARG A 22 -23.67 -5.60 3.46
CA ARG A 22 -24.39 -4.68 4.35
C ARG A 22 -23.83 -4.76 5.76
N ALA A 23 -23.56 -5.97 6.22
CA ALA A 23 -23.01 -6.15 7.56
C ALA A 23 -21.55 -5.68 7.57
N ILE A 24 -20.89 -5.78 6.42
CA ILE A 24 -19.50 -5.36 6.29
C ILE A 24 -19.37 -3.87 6.13
N THR A 25 -20.48 -3.18 5.87
CA THR A 25 -20.41 -1.72 5.77
C THR A 25 -19.95 -1.38 7.18
N LYS A 26 -19.67 -2.46 7.92
CA LYS A 26 -19.18 -2.48 9.29
C LYS A 26 -18.84 -1.12 9.82
N SER A 27 -19.80 -0.49 10.49
CA SER A 27 -19.55 0.81 11.05
C SER A 27 -18.18 0.70 11.72
N ARG A 28 -17.41 1.78 11.63
CA ARG A 28 -16.07 1.82 12.21
C ARG A 28 -14.98 1.30 11.28
N ARG A 29 -14.51 0.09 11.57
CA ARG A 29 -13.44 -0.57 10.83
C ARG A 29 -13.46 -0.75 9.31
N TYR A 30 -14.56 -1.25 8.76
CA TYR A 30 -14.60 -1.52 7.31
C TYR A 30 -15.66 -0.85 6.45
N GLN A 31 -16.26 0.23 6.95
CA GLN A 31 -17.30 0.94 6.21
C GLN A 31 -16.87 1.44 4.83
N THR A 32 -15.62 1.85 4.69
CA THR A 32 -15.18 2.38 3.40
C THR A 32 -14.20 1.50 2.63
N VAL A 33 -14.08 0.24 3.02
CA VAL A 33 -13.21 -0.68 2.30
C VAL A 33 -13.81 -0.79 0.90
N ALA A 34 -12.95 -0.98 -0.09
CA ALA A 34 -13.41 -1.08 -1.47
C ALA A 34 -14.51 -2.13 -1.64
N PRO A 35 -15.66 -1.73 -2.21
CA PRO A 35 -16.75 -2.67 -2.42
C PRO A 35 -16.25 -3.92 -3.15
N ALA A 36 -15.28 -3.74 -4.04
CA ALA A 36 -14.72 -4.86 -4.79
C ALA A 36 -14.05 -5.86 -3.86
N THR A 37 -13.33 -5.35 -2.86
CA THR A 37 -12.64 -6.20 -1.92
C THR A 37 -13.61 -6.92 -1.01
N VAL A 38 -14.62 -6.19 -0.54
CA VAL A 38 -15.62 -6.79 0.33
C VAL A 38 -16.34 -7.93 -0.38
N ARG A 39 -16.71 -7.71 -1.64
CA ARG A 39 -17.42 -8.72 -2.42
C ARG A 39 -16.57 -9.95 -2.70
N ARG A 40 -15.29 -9.75 -2.99
CA ARG A 40 -14.38 -10.87 -3.25
C ARG A 40 -14.24 -11.72 -2.00
N LEU A 41 -14.00 -11.08 -0.85
CA LEU A 41 -13.87 -11.80 0.41
C LEU A 41 -15.18 -12.49 0.79
N ALA A 42 -16.29 -11.79 0.62
CA ALA A 42 -17.61 -12.33 0.95
C ALA A 42 -17.98 -13.57 0.12
N ARG A 43 -17.54 -13.63 -1.13
CA ARG A 43 -17.84 -14.78 -1.98
C ARG A 43 -17.10 -16.01 -1.47
N ALA A 44 -15.81 -15.84 -1.16
CA ALA A 44 -14.99 -16.93 -0.65
C ALA A 44 -15.47 -17.36 0.73
N ALA A 45 -15.88 -16.39 1.53
CA ALA A 45 -16.35 -16.66 2.87
C ALA A 45 -17.68 -17.42 2.86
N LEU A 46 -18.56 -17.07 1.94
CA LEU A 46 -19.86 -17.72 1.84
C LEU A 46 -19.70 -19.20 1.52
N VAL A 47 -18.88 -19.50 0.52
CA VAL A 47 -18.65 -20.88 0.11
C VAL A 47 -17.93 -21.64 1.22
N ALA A 48 -17.00 -20.99 1.90
CA ALA A 48 -16.25 -21.61 2.98
C ALA A 48 -17.11 -21.77 4.23
N ALA A 49 -18.16 -20.95 4.35
CA ALA A 49 -19.04 -21.01 5.50
C ALA A 49 -20.25 -21.90 5.25
N ARG A 50 -20.21 -22.68 4.17
CA ARG A 50 -21.30 -23.59 3.86
C ARG A 50 -22.64 -22.86 3.70
N GLY A 51 -22.61 -21.63 3.22
CA GLY A 51 -23.83 -20.87 3.01
C GLY A 51 -24.37 -20.16 4.23
N ASP A 52 -23.69 -20.28 5.36
CA ASP A 52 -24.14 -19.60 6.59
C ASP A 52 -23.66 -18.15 6.56
N VAL A 53 -24.61 -17.23 6.38
CA VAL A 53 -24.26 -15.82 6.32
C VAL A 53 -23.59 -15.30 7.59
N PRO A 54 -24.14 -15.62 8.77
CA PRO A 54 -23.52 -15.16 10.02
C PRO A 54 -22.04 -15.54 10.11
N ASP A 55 -21.72 -16.76 9.69
CA ASP A 55 -20.34 -17.24 9.72
C ASP A 55 -19.55 -16.64 8.57
N ALA A 56 -20.25 -16.34 7.48
CA ALA A 56 -19.62 -15.74 6.31
C ALA A 56 -19.20 -14.33 6.70
N VAL A 57 -20.02 -13.67 7.51
CA VAL A 57 -19.73 -12.32 7.96
C VAL A 57 -18.48 -12.33 8.83
N LYS A 58 -18.39 -13.31 9.73
CA LYS A 58 -17.23 -13.42 10.61
C LYS A 58 -15.99 -13.69 9.76
N ARG A 59 -16.10 -14.62 8.81
CA ARG A 59 -14.97 -14.95 7.96
C ARG A 59 -14.47 -13.71 7.22
N THR A 60 -15.38 -12.96 6.62
CA THR A 60 -15.02 -11.76 5.88
C THR A 60 -14.38 -10.75 6.81
N LYS A 61 -15.04 -10.47 7.93
CA LYS A 61 -14.53 -9.53 8.93
C LYS A 61 -13.12 -9.91 9.37
N ARG A 62 -12.91 -11.19 9.63
CA ARG A 62 -11.61 -11.68 10.06
C ARG A 62 -10.64 -11.51 8.90
N GLY A 63 -11.10 -11.82 7.69
CA GLY A 63 -10.26 -11.69 6.52
C GLY A 63 -9.83 -10.25 6.30
N LEU A 64 -10.76 -9.32 6.51
CA LEU A 64 -10.48 -7.91 6.34
C LEU A 64 -9.47 -7.41 7.37
N HIS A 65 -9.49 -7.99 8.56
CA HIS A 65 -8.55 -7.58 9.60
C HIS A 65 -7.15 -8.03 9.27
N GLU A 66 -7.05 -9.20 8.64
CA GLU A 66 -5.77 -9.76 8.26
C GLU A 66 -5.05 -8.95 7.19
N ILE A 67 -5.81 -8.47 6.20
CA ILE A 67 -5.23 -7.72 5.10
C ILE A 67 -5.31 -6.21 5.24
N TYR A 68 -6.20 -5.73 6.09
CA TYR A 68 -6.39 -4.30 6.26
C TYR A 68 -6.48 -3.82 7.71
N GLY A 69 -7.53 -4.25 8.41
CA GLY A 69 -7.73 -3.84 9.79
C GLY A 69 -6.54 -3.91 10.73
N ALA A 70 -5.69 -4.91 10.56
CA ALA A 70 -4.53 -5.08 11.42
C ALA A 70 -3.55 -3.90 11.38
N PHE A 71 -3.52 -3.18 10.26
CA PHE A 71 -2.61 -2.06 10.13
C PHE A 71 -3.17 -0.72 10.63
N LEU A 72 -4.49 -0.62 10.69
CA LEU A 72 -5.14 0.63 11.09
C LEU A 72 -5.85 0.59 12.45
N PRO A 73 -6.37 1.74 12.91
CA PRO A 73 -7.08 1.85 14.19
C PRO A 73 -8.42 1.12 14.25
N PRO A 74 -8.97 0.92 15.47
CA PRO A 74 -10.25 0.25 15.70
C PRO A 74 -11.38 0.97 14.98
N SER A 75 -11.22 2.27 14.84
CA SER A 75 -12.19 3.13 14.19
C SER A 75 -11.39 3.97 13.20
N PRO A 76 -12.06 4.57 12.21
CA PRO A 76 -11.32 5.39 11.24
C PRO A 76 -10.39 6.38 11.93
N PRO A 77 -9.21 6.63 11.35
CA PRO A 77 -8.28 7.58 11.96
C PRO A 77 -8.89 8.97 11.83
N ASN A 78 -8.48 9.89 12.71
CA ASN A 78 -8.97 11.27 12.64
C ASN A 78 -8.13 12.01 11.58
N TYR A 79 -8.50 11.83 10.32
CA TYR A 79 -7.80 12.46 9.20
C TYR A 79 -7.97 13.99 9.20
N ALA A 80 -9.13 14.47 9.63
CA ALA A 80 -9.35 15.91 9.68
C ALA A 80 -8.26 16.60 10.50
N ALA A 81 -7.97 16.06 11.68
CA ALA A 81 -6.94 16.61 12.55
C ALA A 81 -5.58 16.54 11.86
N LEU A 82 -5.32 15.43 11.19
CA LEU A 82 -4.05 15.23 10.48
C LEU A 82 -3.89 16.25 9.36
N LEU A 83 -4.97 16.52 8.64
CA LEU A 83 -4.95 17.49 7.55
C LEU A 83 -4.79 18.89 8.10
N ARG A 84 -5.49 19.16 9.21
CA ARG A 84 -5.42 20.47 9.84
C ARG A 84 -3.99 20.84 10.17
N HIS A 85 -3.25 19.89 10.74
CA HIS A 85 -1.86 20.14 11.10
C HIS A 85 -1.07 20.36 9.83
N LEU A 86 -1.35 19.57 8.80
CA LEU A 86 -0.65 19.69 7.53
C LEU A 86 -0.84 21.12 7.02
N ASP A 87 -2.10 21.57 6.96
CA ASP A 87 -2.43 22.90 6.48
C ASP A 87 -1.69 24.02 7.24
N SER A 88 -1.64 23.91 8.56
CA SER A 88 -0.96 24.92 9.37
C SER A 88 0.50 25.03 8.96
N ALA A 89 1.14 23.89 8.75
CA ALA A 89 2.54 23.85 8.35
C ALA A 89 2.74 24.43 6.95
N VAL A 90 2.00 23.90 5.98
CA VAL A 90 2.10 24.38 4.61
C VAL A 90 1.77 25.87 4.54
N ASP A 91 0.71 26.27 5.26
CA ASP A 91 0.31 27.67 5.29
C ASP A 91 1.43 28.52 5.88
N ALA A 92 1.98 28.09 7.02
CA ALA A 92 3.05 28.83 7.67
C ALA A 92 4.35 28.74 6.88
N GLY A 93 4.30 28.04 5.75
CA GLY A 93 5.49 27.90 4.93
C GLY A 93 6.69 27.37 5.68
N ASP A 94 6.44 26.51 6.66
CA ASP A 94 7.53 25.95 7.46
C ASP A 94 7.76 24.48 7.09
N ASP A 95 8.79 24.25 6.28
CA ASP A 95 9.14 22.90 5.83
C ASP A 95 9.32 21.92 6.97
N GLU A 96 9.96 22.35 8.05
CA GLU A 96 10.16 21.45 9.18
C GLU A 96 8.80 21.05 9.72
N ALA A 97 7.89 22.01 9.83
CA ALA A 97 6.56 21.75 10.34
C ALA A 97 5.79 20.83 9.39
N VAL A 98 6.02 20.98 8.08
CA VAL A 98 5.34 20.16 7.10
C VAL A 98 5.80 18.72 7.22
N ARG A 99 7.10 18.52 7.35
CA ARG A 99 7.64 17.18 7.45
C ARG A 99 7.20 16.53 8.76
N ALA A 100 7.15 17.34 9.82
CA ALA A 100 6.74 16.84 11.13
C ALA A 100 5.30 16.36 11.07
N ALA A 101 4.45 17.15 10.40
CA ALA A 101 3.04 16.83 10.26
C ALA A 101 2.85 15.58 9.39
N LEU A 102 3.74 15.38 8.42
CA LEU A 102 3.68 14.22 7.54
C LEU A 102 4.10 12.97 8.29
N LEU A 103 5.14 13.09 9.12
CA LEU A 103 5.63 11.95 9.90
C LEU A 103 4.56 11.48 10.86
N ARG A 104 3.92 12.44 11.52
CA ARG A 104 2.84 12.15 12.47
C ARG A 104 1.69 11.44 11.76
N ALA A 105 1.29 11.92 10.59
CA ALA A 105 0.19 11.31 9.86
C ALA A 105 0.53 9.88 9.44
N MSE A 106 1.68 9.70 8.79
CA MSE A 106 2.07 8.37 8.34
C MSE A 106 2.11 7.33 9.47
O MSE A 106 1.94 6.13 9.23
CB MSE A 106 3.43 8.40 7.63
CG MSE A 106 3.41 9.09 6.28
SE MSE A 106 5.08 8.96 5.32
CE MSE A 106 4.84 7.25 4.57
N SER A 107 2.36 7.78 10.70
CA SER A 107 2.44 6.86 11.85
C SER A 107 1.11 6.24 12.26
N VAL A 108 0.02 6.74 11.71
CA VAL A 108 -1.29 6.19 12.04
C VAL A 108 -1.43 4.79 11.41
N HIS A 109 -0.76 4.59 10.28
CA HIS A 109 -0.79 3.29 9.61
C HIS A 109 0.39 2.50 10.17
N ILE A 110 0.08 1.40 10.84
CA ILE A 110 1.09 0.56 11.48
C ILE A 110 2.26 0.12 10.61
N SER A 111 1.99 -0.32 9.38
CA SER A 111 3.07 -0.75 8.51
C SER A 111 3.94 0.42 8.06
N THR A 112 3.31 1.51 7.66
CA THR A 112 4.05 2.69 7.20
C THR A 112 4.91 3.27 8.32
N ARG A 113 4.38 3.17 9.54
CA ARG A 113 5.05 3.66 10.72
C ARG A 113 6.44 3.04 10.92
N GLU A 114 6.58 1.79 10.50
CA GLU A 114 7.85 1.06 10.66
C GLU A 114 9.02 1.59 9.85
N ARG A 115 8.73 2.31 8.77
CA ARG A 115 9.78 2.83 7.90
C ARG A 115 10.22 4.26 8.25
N LEU A 116 9.37 4.99 8.95
CA LEU A 116 9.67 6.38 9.30
C LEU A 116 11.05 6.62 9.89
N PRO A 117 11.57 5.69 10.71
CA PRO A 117 12.91 5.90 11.29
C PRO A 117 14.05 5.83 10.26
N HIS A 118 13.77 5.27 9.09
CA HIS A 118 14.80 5.11 8.06
C HIS A 118 14.35 5.70 6.73
N LEU A 119 13.40 6.62 6.80
CA LEU A 119 12.85 7.26 5.62
C LEU A 119 13.86 7.90 4.67
N ASP A 120 14.77 8.71 5.21
CA ASP A 120 15.76 9.38 4.36
C ASP A 120 16.72 8.38 3.71
N GLU A 121 17.26 7.46 4.49
CA GLU A 121 18.19 6.46 3.97
C GLU A 121 17.48 5.57 2.96
N PHE A 122 16.25 5.21 3.29
CA PHE A 122 15.43 4.35 2.43
C PHE A 122 15.25 4.90 1.02
N TYR A 123 14.80 6.16 0.92
CA TYR A 123 14.58 6.75 -0.39
C TYR A 123 15.83 7.31 -1.04
N ARG A 124 16.81 7.73 -0.23
CA ARG A 124 18.04 8.26 -0.81
C ARG A 124 18.68 7.13 -1.61
N GLU A 125 18.77 5.96 -0.97
CA GLU A 125 19.36 4.78 -1.58
C GLU A 125 18.51 4.18 -2.70
N LEU A 126 17.22 4.04 -2.44
CA LEU A 126 16.31 3.47 -3.41
C LEU A 126 16.36 4.13 -4.78
N PHE A 127 16.32 5.47 -4.81
CA PHE A 127 16.33 6.18 -6.06
C PHE A 127 17.68 6.26 -6.75
N ARG A 128 18.72 5.75 -6.08
CA ARG A 128 20.05 5.74 -6.68
C ARG A 128 20.08 4.53 -7.61
N HIS A 129 19.15 3.61 -7.40
CA HIS A 129 19.07 2.39 -8.19
C HIS A 129 17.90 2.42 -9.16
N LEU A 130 17.34 3.60 -9.37
CA LEU A 130 16.23 3.76 -10.27
C LEU A 130 16.44 4.96 -11.19
N PRO A 131 15.74 4.98 -12.32
CA PRO A 131 15.91 6.13 -13.22
C PRO A 131 15.09 7.28 -12.64
N ARG A 132 15.19 8.46 -13.24
CA ARG A 132 14.40 9.59 -12.80
C ARG A 132 13.02 9.30 -13.35
N PRO A 133 12.04 9.07 -12.48
CA PRO A 133 10.69 8.76 -12.96
C PRO A 133 9.77 9.87 -13.44
N ASN A 134 9.00 9.53 -14.46
CA ASN A 134 7.95 10.36 -15.03
C ASN A 134 6.83 9.40 -14.67
N THR A 135 6.14 9.64 -13.56
CA THR A 135 5.08 8.74 -13.12
C THR A 135 5.61 7.67 -12.15
N LEU A 136 5.17 7.75 -10.91
CA LEU A 136 5.55 6.82 -9.86
C LEU A 136 4.25 6.20 -9.36
N ARG A 137 4.12 4.88 -9.50
CA ARG A 137 2.93 4.17 -9.06
C ARG A 137 3.20 3.46 -7.74
N ASP A 138 2.33 3.69 -6.75
CA ASP A 138 2.46 3.12 -5.41
C ASP A 138 1.21 2.29 -5.13
N LEU A 139 1.32 0.97 -5.27
CA LEU A 139 0.21 0.05 -5.06
C LEU A 139 0.13 -0.39 -3.59
N ALA A 140 -1.09 -0.60 -3.09
CA ALA A 140 -1.31 -0.96 -1.68
C ALA A 140 -0.48 0.05 -0.88
N CYS A 141 -0.58 1.31 -1.29
CA CYS A 141 0.22 2.40 -0.72
C CYS A 141 0.23 2.71 0.76
N GLY A 142 -0.81 2.37 1.51
CA GLY A 142 -0.80 2.73 2.92
C GLY A 142 -0.63 4.25 2.95
N LEU A 143 0.13 4.77 3.91
CA LEU A 143 0.33 6.22 3.98
C LEU A 143 1.68 6.66 3.41
N ASN A 144 2.35 5.74 2.71
CA ASN A 144 3.67 5.98 2.11
C ASN A 144 3.80 7.20 1.19
N PRO A 145 2.74 7.54 0.41
CA PRO A 145 2.79 8.70 -0.49
C PRO A 145 3.12 10.00 0.24
N LEU A 146 2.78 10.06 1.52
CA LEU A 146 3.06 11.24 2.32
C LEU A 146 4.57 11.42 2.46
N ALA A 147 5.31 10.38 2.15
CA ALA A 147 6.77 10.49 2.15
C ALA A 147 6.79 10.99 0.73
N ALA A 148 7.88 11.54 0.24
CA ALA A 148 7.88 12.05 -1.14
C ALA A 148 8.77 13.25 -1.08
N PRO A 149 8.59 14.11 -0.07
CA PRO A 149 9.46 15.27 0.02
C PRO A 149 10.83 14.67 0.30
N TRP A 150 10.81 13.39 0.69
CA TRP A 150 12.02 12.63 1.00
C TRP A 150 12.49 11.87 -0.25
N MSE A 151 11.64 11.82 -1.26
CA MSE A 151 11.96 11.09 -2.48
C MSE A 151 12.75 11.86 -3.52
O MSE A 151 13.31 11.26 -4.43
CB MSE A 151 10.67 10.57 -3.11
CG MSE A 151 9.94 9.55 -2.25
SE MSE A 151 8.41 8.80 -3.14
CE MSE A 151 7.42 8.25 -1.59
N GLY A 152 12.82 13.19 -3.36
CA GLY A 152 13.56 14.01 -4.32
C GLY A 152 13.10 13.78 -5.74
N LEU A 153 11.79 13.64 -5.91
CA LEU A 153 11.18 13.39 -7.20
C LEU A 153 11.31 14.58 -8.13
N PRO A 154 11.33 14.34 -9.45
CA PRO A 154 11.44 15.47 -10.37
C PRO A 154 10.17 16.29 -10.14
N ALA A 155 10.24 17.60 -10.39
CA ALA A 155 9.09 18.47 -10.19
C ALA A 155 7.82 18.01 -10.91
N GLU A 156 7.97 17.52 -12.14
CA GLU A 156 6.83 17.09 -12.94
C GLU A 156 6.28 15.69 -12.67
N THR A 157 7.07 14.85 -12.01
CA THR A 157 6.64 13.48 -11.73
C THR A 157 5.23 13.38 -11.18
N VAL A 158 4.43 12.51 -11.80
CA VAL A 158 3.05 12.28 -11.39
C VAL A 158 3.04 11.06 -10.47
N TYR A 159 2.49 11.23 -9.27
CA TYR A 159 2.42 10.18 -8.28
C TYR A 159 1.07 9.46 -8.38
N ILE A 160 1.08 8.18 -8.74
CA ILE A 160 -0.15 7.41 -8.86
C ILE A 160 -0.25 6.45 -7.67
N ALA A 161 -1.18 6.72 -6.77
CA ALA A 161 -1.33 5.89 -5.58
C ALA A 161 -2.69 5.22 -5.41
N SER A 162 -2.68 4.01 -4.88
CA SER A 162 -3.94 3.32 -4.66
C SER A 162 -3.84 2.34 -3.50
N ASP A 163 -4.98 2.10 -2.86
CA ASP A 163 -5.07 1.15 -1.77
C ASP A 163 -6.50 0.64 -1.72
N ILE A 164 -6.81 -0.08 -0.65
CA ILE A 164 -8.12 -0.71 -0.48
C ILE A 164 -9.17 0.03 0.36
N ASP A 165 -8.86 1.25 0.80
CA ASP A 165 -9.81 2.02 1.59
C ASP A 165 -9.98 3.41 0.99
N ALA A 166 -11.22 3.79 0.69
CA ALA A 166 -11.50 5.09 0.09
C ALA A 166 -11.12 6.30 0.94
N ARG A 167 -11.36 6.23 2.25
CA ARG A 167 -11.03 7.34 3.11
C ARG A 167 -9.51 7.48 3.24
N LEU A 168 -8.81 6.36 3.37
CA LEU A 168 -7.35 6.41 3.46
C LEU A 168 -6.82 7.02 2.16
N VAL A 169 -7.26 6.48 1.03
CA VAL A 169 -6.81 6.98 -0.27
C VAL A 169 -7.24 8.44 -0.46
N GLY A 170 -8.46 8.75 -0.04
CA GLY A 170 -8.98 10.11 -0.13
C GLY A 170 -8.12 11.06 0.68
N PHE A 171 -7.58 10.57 1.79
CA PHE A 171 -6.72 11.39 2.63
C PHE A 171 -5.34 11.52 1.98
N VAL A 172 -4.89 10.46 1.31
CA VAL A 172 -3.59 10.49 0.62
C VAL A 172 -3.66 11.54 -0.49
N ASP A 173 -4.82 11.64 -1.11
CA ASP A 173 -5.03 12.60 -2.18
C ASP A 173 -4.95 14.04 -1.67
N GLU A 174 -5.63 14.33 -0.56
CA GLU A 174 -5.59 15.67 0.02
C GLU A 174 -4.17 16.04 0.42
N ALA A 175 -3.44 15.09 0.99
CA ALA A 175 -2.06 15.32 1.42
C ALA A 175 -1.19 15.70 0.23
N LEU A 176 -1.30 14.94 -0.85
CA LEU A 176 -0.51 15.20 -2.05
C LEU A 176 -0.90 16.56 -2.63
N THR A 177 -2.17 16.91 -2.53
CA THR A 177 -2.64 18.20 -3.03
C THR A 177 -1.97 19.34 -2.25
N ARG A 178 -1.88 19.19 -0.93
CA ARG A 178 -1.25 20.21 -0.08
C ARG A 178 0.25 20.33 -0.33
N LEU A 179 0.86 19.24 -0.77
CA LEU A 179 2.29 19.27 -1.05
C LEU A 179 2.52 19.67 -2.50
N ASN A 180 1.44 19.93 -3.22
CA ASN A 180 1.53 20.33 -4.62
C ASN A 180 2.27 19.29 -5.46
N VAL A 181 1.94 18.03 -5.24
CA VAL A 181 2.55 16.94 -5.98
C VAL A 181 1.57 16.44 -7.02
N PRO A 182 1.94 16.51 -8.32
CA PRO A 182 1.05 16.03 -9.37
C PRO A 182 0.68 14.60 -9.02
N HIS A 183 -0.61 14.27 -9.06
CA HIS A 183 -1.02 12.94 -8.65
C HIS A 183 -2.40 12.54 -9.12
N ARG A 184 -2.67 11.25 -8.98
CA ARG A 184 -3.95 10.66 -9.32
C ARG A 184 -4.08 9.54 -8.32
N THR A 185 -5.25 9.40 -7.71
CA THR A 185 -5.46 8.40 -6.69
C THR A 185 -6.72 7.55 -6.95
N ASN A 186 -6.64 6.25 -6.67
CA ASN A 186 -7.78 5.35 -6.87
C ASN A 186 -7.86 4.25 -5.82
N VAL A 187 -9.05 3.66 -5.70
CA VAL A 187 -9.26 2.57 -4.79
C VAL A 187 -9.16 1.35 -5.70
N ALA A 188 -8.11 0.56 -5.53
CA ALA A 188 -7.92 -0.59 -6.38
C ALA A 188 -7.44 -1.81 -5.62
N ASP A 189 -8.03 -2.96 -5.94
CA ASP A 189 -7.67 -4.23 -5.32
C ASP A 189 -6.73 -4.91 -6.30
N LEU A 190 -5.49 -5.13 -5.87
CA LEU A 190 -4.45 -5.75 -6.70
C LEU A 190 -4.82 -7.09 -7.31
N LEU A 191 -5.79 -7.77 -6.71
CA LEU A 191 -6.20 -9.08 -7.21
C LEU A 191 -7.31 -9.03 -8.27
N GLU A 192 -7.74 -7.83 -8.66
CA GLU A 192 -8.79 -7.72 -9.67
C GLU A 192 -8.66 -6.54 -10.63
N ASP A 193 -8.31 -5.38 -10.10
CA ASP A 193 -8.18 -4.16 -10.91
C ASP A 193 -7.07 -4.23 -11.95
N ARG A 194 -7.11 -3.31 -12.91
CA ARG A 194 -6.12 -3.26 -13.99
C ARG A 194 -4.76 -2.69 -13.60
N LEU A 195 -3.72 -3.21 -14.25
CA LEU A 195 -2.36 -2.77 -13.98
C LEU A 195 -1.61 -2.46 -15.26
N ASP A 196 -2.37 -2.25 -16.34
CA ASP A 196 -1.79 -1.95 -17.64
C ASP A 196 -1.41 -0.48 -17.88
N GLU A 197 -1.85 0.42 -17.02
CA GLU A 197 -1.46 1.82 -17.21
C GLU A 197 0.05 1.92 -17.08
N PRO A 198 0.70 2.61 -18.03
CA PRO A 198 2.16 2.74 -17.99
C PRO A 198 2.62 3.58 -16.80
N ALA A 199 3.77 3.21 -16.24
CA ALA A 199 4.39 3.93 -15.13
C ALA A 199 5.86 3.52 -15.14
N ASP A 200 6.74 4.51 -15.05
CA ASP A 200 8.18 4.23 -15.05
C ASP A 200 8.61 3.36 -13.90
N VAL A 201 8.07 3.64 -12.72
CA VAL A 201 8.42 2.88 -11.53
C VAL A 201 7.17 2.54 -10.73
N THR A 202 7.10 1.31 -10.26
CA THR A 202 5.98 0.86 -9.44
C THR A 202 6.51 0.39 -8.09
N LEU A 203 5.84 0.80 -7.02
CA LEU A 203 6.25 0.40 -5.68
C LEU A 203 5.28 -0.61 -5.11
N LEU A 204 5.81 -1.72 -4.61
CA LEU A 204 5.04 -2.77 -3.96
C LEU A 204 5.75 -2.98 -2.63
N LEU A 205 5.58 -2.02 -1.73
CA LEU A 205 6.23 -2.06 -0.43
C LEU A 205 5.46 -2.89 0.57
N LYS A 206 6.13 -3.91 1.11
CA LYS A 206 5.55 -4.81 2.10
C LYS A 206 4.11 -5.22 1.76
N THR A 207 3.92 -5.71 0.53
CA THR A 207 2.59 -6.11 0.08
C THR A 207 2.46 -7.58 -0.29
N LEU A 208 3.46 -8.13 -0.98
CA LEU A 208 3.41 -9.52 -1.42
C LEU A 208 2.95 -10.54 -0.39
N PRO A 209 3.50 -10.47 0.83
CA PRO A 209 3.09 -11.43 1.86
C PRO A 209 1.58 -11.40 2.08
N CYS A 210 1.01 -10.19 2.03
CA CYS A 210 -0.42 -10.02 2.23
C CYS A 210 -1.21 -10.60 1.06
N LEU A 211 -0.72 -10.38 -0.16
CA LEU A 211 -1.39 -10.90 -1.36
C LEU A 211 -1.34 -12.42 -1.37
N GLU A 212 -0.18 -12.98 -1.04
CA GLU A 212 -0.02 -14.43 -1.00
C GLU A 212 -1.03 -15.06 -0.05
N THR A 213 -1.26 -14.38 1.07
CA THR A 213 -2.20 -14.86 2.08
C THR A 213 -3.62 -14.89 1.50
N GLN A 214 -3.95 -13.87 0.70
CA GLN A 214 -5.27 -13.76 0.09
C GLN A 214 -5.44 -14.67 -1.11
N GLN A 215 -4.36 -14.85 -1.88
CA GLN A 215 -4.42 -15.66 -3.08
C GLN A 215 -3.02 -16.17 -3.43
N ARG A 216 -2.80 -17.46 -3.23
CA ARG A 216 -1.50 -18.08 -3.51
C ARG A 216 -1.01 -17.80 -4.92
N GLY A 217 0.24 -17.35 -5.03
CA GLY A 217 0.82 -17.06 -6.33
C GLY A 217 0.57 -15.66 -6.86
N SER A 218 -0.43 -14.97 -6.31
CA SER A 218 -0.78 -13.62 -6.75
C SER A 218 0.42 -12.68 -6.75
N GLY A 219 1.30 -12.84 -5.77
CA GLY A 219 2.47 -12.01 -5.67
C GLY A 219 3.24 -11.84 -6.96
N TRP A 220 3.70 -12.95 -7.54
CA TRP A 220 4.45 -12.86 -8.78
C TRP A 220 3.58 -12.57 -10.00
N GLU A 221 2.30 -12.91 -9.93
CA GLU A 221 1.40 -12.64 -11.06
C GLU A 221 1.29 -11.13 -11.21
N VAL A 222 1.25 -10.42 -10.09
CA VAL A 222 1.17 -8.97 -10.11
C VAL A 222 2.47 -8.41 -10.70
N ILE A 223 3.61 -8.84 -10.15
CA ILE A 223 4.90 -8.37 -10.63
C ILE A 223 5.04 -8.52 -12.15
N ASP A 224 4.53 -9.62 -12.69
CA ASP A 224 4.61 -9.88 -14.14
C ASP A 224 3.72 -9.01 -15.03
N ILE A 225 2.49 -8.75 -14.59
CA ILE A 225 1.59 -7.93 -15.39
C ILE A 225 1.73 -6.43 -15.20
N VAL A 226 2.20 -5.99 -14.03
CA VAL A 226 2.34 -4.56 -13.78
C VAL A 226 3.13 -3.89 -14.89
N ASN A 227 2.47 -2.96 -15.59
CA ASN A 227 3.10 -2.27 -16.69
C ASN A 227 4.14 -1.22 -16.28
N SER A 228 5.27 -1.70 -15.74
CA SER A 228 6.38 -0.86 -15.32
C SER A 228 7.66 -1.67 -15.53
N PRO A 229 8.70 -1.05 -16.11
CA PRO A 229 9.96 -1.75 -16.33
C PRO A 229 10.76 -1.85 -15.04
N ASN A 230 10.40 -1.00 -14.07
CA ASN A 230 11.06 -0.98 -12.78
C ASN A 230 10.04 -1.23 -11.66
N ILE A 231 10.31 -2.23 -10.82
CA ILE A 231 9.42 -2.57 -9.72
C ILE A 231 10.23 -2.69 -8.43
N VAL A 232 9.72 -2.13 -7.34
CA VAL A 232 10.41 -2.26 -6.07
C VAL A 232 9.49 -3.08 -5.16
N VAL A 233 9.98 -4.24 -4.75
CA VAL A 233 9.23 -5.14 -3.90
C VAL A 233 9.96 -5.26 -2.57
N THR A 234 9.28 -5.00 -1.47
CA THR A 234 9.94 -5.10 -0.17
C THR A 234 9.21 -6.04 0.76
N PHE A 235 9.95 -6.54 1.75
CA PHE A 235 9.42 -7.46 2.74
C PHE A 235 9.83 -6.99 4.13
N PRO A 236 8.91 -7.08 5.10
CA PRO A 236 9.25 -6.66 6.46
C PRO A 236 10.21 -7.69 7.02
N THR A 237 11.06 -7.24 7.92
CA THR A 237 12.06 -8.09 8.54
C THR A 237 11.75 -8.24 10.02
N LYS A 238 10.85 -7.39 10.50
CA LYS A 238 10.45 -7.39 11.90
C LYS A 238 9.22 -6.50 12.07
N GLY A 246 13.17 -15.56 11.86
CA GLY A 246 13.67 -16.01 10.56
C GLY A 246 12.89 -15.42 9.42
N MSE A 247 12.30 -14.25 9.64
CA MSE A 247 11.49 -13.58 8.64
C MSE A 247 12.33 -13.16 7.42
O MSE A 247 11.85 -13.24 6.30
CB MSE A 247 10.82 -12.36 9.26
CG MSE A 247 9.59 -11.86 8.52
SE MSE A 247 8.73 -10.38 9.45
CE MSE A 247 7.87 -11.37 10.85
N PHE A 248 13.56 -12.71 7.64
CA PHE A 248 14.40 -12.32 6.52
C PHE A 248 14.73 -13.55 5.68
N GLN A 249 15.12 -14.61 6.36
CA GLN A 249 15.47 -15.86 5.70
C GLN A 249 14.31 -16.37 4.85
N ASN A 250 13.14 -16.44 5.47
CA ASN A 250 11.94 -16.90 4.81
C ASN A 250 11.66 -16.14 3.52
N TYR A 251 11.57 -14.82 3.63
CA TYR A 251 11.27 -13.99 2.47
C TYR A 251 12.36 -13.94 1.40
N SER A 252 13.62 -13.79 1.82
CA SER A 252 14.71 -13.73 0.85
C SER A 252 14.87 -15.03 0.08
N GLN A 253 14.70 -16.16 0.76
CA GLN A 253 14.84 -17.46 0.08
C GLN A 253 13.77 -17.68 -0.96
N SER A 254 12.51 -17.53 -0.56
CA SER A 254 11.41 -17.75 -1.49
C SER A 254 11.44 -16.79 -2.67
N PHE A 255 11.55 -15.49 -2.41
CA PHE A 255 11.55 -14.52 -3.48
C PHE A 255 12.72 -14.71 -4.44
N GLU A 256 13.91 -14.89 -3.88
CA GLU A 256 15.11 -15.08 -4.70
C GLU A 256 15.11 -16.36 -5.52
N SER A 257 14.55 -17.44 -4.99
CA SER A 257 14.50 -18.67 -5.73
C SER A 257 13.52 -18.45 -6.88
N GLN A 258 12.41 -17.80 -6.57
CA GLN A 258 11.37 -17.52 -7.56
C GLN A 258 11.84 -16.55 -8.65
N ALA A 259 12.80 -15.70 -8.30
CA ALA A 259 13.35 -14.73 -9.25
C ALA A 259 14.35 -15.44 -10.16
N ARG A 260 15.30 -16.14 -9.56
CA ARG A 260 16.30 -16.86 -10.35
C ARG A 260 15.57 -17.85 -11.25
N GLU A 261 14.39 -18.28 -10.81
CA GLU A 261 13.57 -19.23 -11.57
C GLU A 261 12.93 -18.55 -12.78
N ARG A 262 13.04 -17.23 -12.85
CA ARG A 262 12.49 -16.46 -13.95
C ARG A 262 13.58 -15.61 -14.60
N SER A 263 14.81 -15.80 -14.15
CA SER A 263 15.92 -15.02 -14.67
C SER A 263 15.60 -13.52 -14.60
N CYS A 264 15.07 -13.10 -13.45
CA CYS A 264 14.73 -11.70 -13.24
C CYS A 264 15.94 -10.96 -12.70
N ARG A 265 16.30 -9.85 -13.34
CA ARG A 265 17.44 -9.09 -12.86
C ARG A 265 16.99 -8.30 -11.65
N ILE A 266 17.65 -8.52 -10.52
CA ILE A 266 17.30 -7.83 -9.30
C ILE A 266 18.49 -7.42 -8.45
N GLN A 267 18.29 -6.38 -7.66
CA GLN A 267 19.31 -5.87 -6.76
C GLN A 267 18.71 -5.86 -5.37
N ARG A 268 19.35 -6.55 -4.43
CA ARG A 268 18.87 -6.62 -3.06
C ARG A 268 19.53 -5.60 -2.16
N LEU A 269 18.73 -5.02 -1.28
CA LEU A 269 19.18 -4.03 -0.31
C LEU A 269 18.43 -4.33 0.98
N GLU A 270 18.93 -3.79 2.08
CA GLU A 270 18.28 -3.95 3.37
C GLU A 270 18.48 -2.66 4.15
N ILE A 271 17.38 -1.97 4.42
CA ILE A 271 17.41 -0.71 5.13
C ILE A 271 16.39 -0.79 6.24
N GLY A 272 16.83 -0.52 7.48
CA GLY A 272 15.91 -0.59 8.61
C GLY A 272 15.37 -2.01 8.71
N ASN A 273 14.08 -2.14 8.96
CA ASN A 273 13.47 -3.47 9.08
C ASN A 273 12.83 -3.90 7.76
N GLU A 274 13.47 -3.56 6.64
CA GLU A 274 12.91 -3.89 5.34
C GLU A 274 13.93 -4.52 4.38
N LEU A 275 13.51 -5.63 3.77
CA LEU A 275 14.32 -6.34 2.78
C LEU A 275 13.83 -5.76 1.45
N ILE A 276 14.74 -5.19 0.67
CA ILE A 276 14.37 -4.55 -0.60
C ILE A 276 14.92 -5.22 -1.85
N TYR A 277 14.06 -5.33 -2.86
CA TYR A 277 14.42 -5.90 -4.15
C TYR A 277 14.01 -4.93 -5.25
N VAL A 278 14.99 -4.50 -6.04
CA VAL A 278 14.74 -3.59 -7.16
C VAL A 278 14.74 -4.49 -8.38
N ILE A 279 13.57 -4.60 -9.02
CA ILE A 279 13.39 -5.45 -10.19
C ILE A 279 13.40 -4.65 -11.49
N GLN A 280 14.22 -5.07 -12.45
CA GLN A 280 14.30 -4.39 -13.73
C GLN A 280 13.80 -5.25 -14.90
N LYS A 281 12.81 -4.71 -15.61
CA LYS A 281 12.18 -5.33 -16.77
C LYS A 281 11.11 -6.33 -16.35
N SAH B . 2.71 -0.27 1.13
CA SAH B . 2.51 0.48 2.36
CB SAH B . 1.56 -0.34 3.25
CG SAH B . 1.98 -1.77 3.57
SD SAH B . 0.82 -2.68 4.57
C SAH B . 3.86 0.75 3.11
O SAH B . 4.83 0.21 2.68
OXT SAH B . 3.99 1.32 4.07
C5' SAH B . -0.10 -3.46 3.35
C4' SAH B . -1.21 -2.69 2.54
O4' SAH B . -1.83 -3.71 1.74
C3' SAH B . -2.32 -2.11 3.37
O3' SAH B . -2.33 -0.68 3.23
C2' SAH B . -3.62 -2.84 2.83
O2' SAH B . -4.78 -2.03 2.89
C1' SAH B . -3.15 -3.22 1.44
N9 SAH B . -3.81 -4.18 0.77
C8 SAH B . -4.22 -5.41 1.27
N7 SAH B . -4.82 -6.16 0.38
C5 SAH B . -4.80 -5.34 -0.79
C6 SAH B . -5.33 -5.68 -2.07
N6 SAH B . -5.92 -6.83 -2.37
N1 SAH B . -5.15 -4.68 -3.01
C2 SAH B . -4.53 -3.49 -2.74
N3 SAH B . -4.02 -3.16 -1.51
C4 SAH B . -4.20 -4.15 -0.58
#